data_9NAQ
#
_entry.id   9NAQ
#
_cell.length_a   1.00
_cell.length_b   1.00
_cell.length_c   1.00
_cell.angle_alpha   90.00
_cell.angle_beta   90.00
_cell.angle_gamma   90.00
#
_symmetry.space_group_name_H-M   'P 1'
#
loop_
_entity.id
_entity.type
_entity.pdbx_description
1 polymer '110_C4 Fab heavy chain'
2 polymer '110_C4 Fab light chain'
3 polymer 'Erythrocyte membrane protein 1'
#
loop_
_entity_poly.entity_id
_entity_poly.type
_entity_poly.pdbx_seq_one_letter_code
_entity_poly.pdbx_strand_id
1 'polypeptide(L)'
;QVHLVQSGAEVKKPGSSATVSCKASGGPFRGYSVSWVRQAPGQGLEWMGQIITMLDTITYAQRFQDRVTIRADETTSTIY
MELNSLRSEDTAIYYCARNGNATVGSLGMDVWGRGTTVTVSS
;
H
2 'polypeptide(L)'
;QAGLTQPPSESKGLRETATFTCTGNSNNVGNQGAAWLQQHQGHPPKLLSYRNNNRPSGISERFSASRSGNTASLTITGLQ
PEDEAVYFCSAWDTSLRAWLFGGGTHLTVLG
;
L
3 'polypeptide(L)'
;MGSQSSKPSKPSVDTNESYKSARNVLERYAESIKQQAENDASGYEKELKGKLEEASFCGAYCELIGVPKYGSTDPCYLDH
RWHTNLLHEKVKDRDPCHNRNQKRFDEGQVYECGSGIIKGNGNNRNGGSCAPPRRRHMCDKNLEALTVANTKNSNDLLGN
ILVTAKYEGDSIVNSYANSGMFNVCTALARSFADIGDIIRGKDLYLGNGDYKEKVSNNLRAIFNKIYENLNDPNVKAHYQ
KDAPNYYKLREHWWTVNRDQVWKAITCNAPTGADYFRKGSDGTNVFTSQGQCGHYEGAPPTNLDYVPQFLRWFEEWAEEF
CRKKKIKLENVKKACRDESSKLYCSHNGYDCTQTIRNKDICIRESKCTDCSTKCKLYELWLEKQENEFKKQTKKYDKEIN
GNNSLQNNKNNGIDKKYHNEFYKNFREKGYTSLDKFLKLLNEGMYCKNQKPEEEDIDFTKNGDKGIFYRSEYCQVCPYCG
LDCGGKTCTAKQEIYPDCVYNGAYEPPNGAETTEITVLYSADQEGDISNKLSEFCNDENNKNSQKWQCYYVSSENNGCKM
EKKNANHTPEVKITKFHNFFEMWVTYLLTETITWKDKLKTCMNNTKTADCIHECNKNCVCFDKWVKQKEDEWNSIKKLFT
KEKKMPKQYYGNINIYFESFFFHVMKKLNKEAKWNKLMDELRNKIELSKGNEGTKDLQDAIELLLEYLKEKSTICKDNNT
NEACDPTVDPTKNPCGKNTKAGSDKVISVKQIAQYYKRLAHEQLEERGSRSALKGDASKGTYRRQGNPRKLKKVCRIAKD
HSNRNHKDSRGRHLCTSYLEFLQTIDDSHNSSNAKRVNNSFLGDVLLSAKLDAAEIIKRYKDQNNIRENIEQKDEEAMCR
AVRYSFADLGDIIRGKDLWDHKDFKKLERDLVKIFGKIKDELKSKLGDKYIGDEAKSPYKQLRSDWWEANRHQVWKAMQC
KTTTKPFSLNIKCGDTSITPLVDYIPQRLRWMTEWAEWYCKEQSRLYGELVEKCNTCGSSNGIVTTEDCKKKCMQCKQKC
EAYKSFIEKWKKQWDEQEKKYQELYRKATQNGSDGSKVTADKDADVVDFLSKLRNKNDTNNLFESAAAYVHDTGNLDDCN
AQNIFCEKNCDGKVNDKYVFRKYPYDHAKACNCNENVTPRPPALSNGSGSHHHHHHGSGSGLNDIFEAQKIEWHE
;
A
#
# COMPACT_ATOMS: atom_id res chain seq x y z
N GLN A 1 -1.38 8.66 12.94
CA GLN A 1 -0.05 8.27 13.38
C GLN A 1 0.01 6.80 13.77
N VAL A 2 0.14 5.94 12.78
CA VAL A 2 0.23 4.50 13.00
C VAL A 2 1.69 4.11 13.16
N HIS A 3 1.99 3.38 14.22
CA HIS A 3 3.35 2.97 14.53
C HIS A 3 3.47 1.46 14.33
N LEU A 4 4.60 1.04 13.75
CA LEU A 4 4.88 -0.37 13.55
C LEU A 4 6.24 -0.66 14.16
N VAL A 5 6.29 -1.62 15.10
CA VAL A 5 7.53 -2.04 15.73
C VAL A 5 7.73 -3.52 15.41
N GLN A 6 8.97 -3.86 15.08
CA GLN A 6 9.29 -5.15 14.46
C GLN A 6 10.00 -6.04 15.47
N SER A 7 9.71 -7.33 15.42
CA SER A 7 10.31 -8.29 16.33
C SER A 7 11.80 -8.48 16.01
N GLY A 8 12.49 -9.13 16.93
CA GLY A 8 13.92 -9.36 16.75
C GLY A 8 14.21 -10.45 15.73
N ALA A 9 15.46 -10.49 15.31
CA ALA A 9 15.88 -11.46 14.30
C ALA A 9 16.01 -12.85 14.89
N GLU A 10 15.76 -13.85 14.05
CA GLU A 10 15.84 -15.24 14.46
C GLU A 10 16.63 -16.04 13.43
N VAL A 11 17.51 -16.90 13.93
CA VAL A 11 18.34 -17.74 13.08
C VAL A 11 17.65 -19.09 12.89
N LYS A 12 17.42 -19.46 11.64
CA LYS A 12 16.70 -20.68 11.30
C LYS A 12 17.62 -21.65 10.58
N LYS A 13 17.10 -22.85 10.37
CA LYS A 13 17.76 -23.91 9.62
C LYS A 13 16.94 -24.25 8.39
N PRO A 14 17.55 -24.79 7.34
CA PRO A 14 16.80 -25.11 6.13
C PRO A 14 15.70 -26.13 6.41
N GLY A 15 14.53 -25.88 5.82
CA GLY A 15 13.37 -26.72 6.02
C GLY A 15 12.52 -26.37 7.23
N SER A 16 12.97 -25.44 8.08
CA SER A 16 12.23 -25.06 9.27
C SER A 16 11.19 -24.01 8.89
N SER A 17 10.55 -23.42 9.91
CA SER A 17 9.54 -22.40 9.71
C SER A 17 9.90 -21.15 10.49
N ALA A 18 9.74 -19.99 9.87
CA ALA A 18 10.00 -18.71 10.48
C ALA A 18 8.69 -18.00 10.80
N THR A 19 8.74 -17.11 11.77
CA THR A 19 7.57 -16.36 12.20
C THR A 19 7.99 -14.93 12.52
N VAL A 20 7.60 -14.01 11.65
CA VAL A 20 7.92 -12.59 11.82
C VAL A 20 6.63 -11.89 12.23
N SER A 21 6.66 -11.18 13.35
CA SER A 21 5.47 -10.55 13.88
C SER A 21 5.78 -9.11 14.26
N CYS A 22 4.98 -8.18 13.74
CA CYS A 22 5.08 -6.78 14.13
C CYS A 22 3.71 -6.29 14.56
N LYS A 23 3.65 -5.61 15.69
CA LYS A 23 2.39 -5.08 16.19
C LYS A 23 2.23 -3.65 15.70
N ALA A 24 0.99 -3.27 15.41
CA ALA A 24 0.68 -1.95 14.87
C ALA A 24 -0.31 -1.26 15.79
N SER A 25 -0.10 0.04 15.99
CA SER A 25 -0.96 0.82 16.86
C SER A 25 -0.97 2.26 16.36
N GLY A 26 -2.02 2.98 16.73
CA GLY A 26 -2.15 4.37 16.33
C GLY A 26 -3.52 4.68 15.74
N GLY A 27 -4.42 3.71 15.82
CA GLY A 27 -5.76 3.88 15.29
C GLY A 27 -6.57 2.62 15.53
N PRO A 28 -7.74 2.53 14.90
CA PRO A 28 -8.51 1.29 14.98
C PRO A 28 -7.78 0.16 14.28
N PHE A 29 -7.94 -1.05 14.80
CA PHE A 29 -7.31 -2.18 14.15
C PHE A 29 -7.98 -2.54 12.83
N ARG A 30 -9.23 -2.13 12.65
CA ARG A 30 -9.97 -2.45 11.44
C ARG A 30 -9.31 -1.82 10.22
N GLY A 31 -8.84 -0.58 10.34
CA GLY A 31 -8.26 0.11 9.22
C GLY A 31 -6.77 -0.05 9.06
N TYR A 32 -6.28 -1.28 9.05
CA TYR A 32 -4.86 -1.58 8.81
C TYR A 32 -4.73 -2.49 7.60
N SER A 33 -3.78 -2.16 6.74
CA SER A 33 -3.55 -2.90 5.50
C SER A 33 -2.07 -3.19 5.29
N VAL A 34 -1.39 -3.68 6.31
CA VAL A 34 0.06 -3.88 6.23
C VAL A 34 0.41 -4.96 5.22
N SER A 35 1.63 -4.88 4.69
CA SER A 35 2.15 -5.84 3.72
C SER A 35 3.54 -6.28 4.14
N TRP A 36 3.93 -7.47 3.68
CA TRP A 36 5.19 -8.09 4.06
C TRP A 36 6.14 -8.06 2.88
N VAL A 37 7.33 -7.49 3.08
CA VAL A 37 8.29 -7.27 2.01
C VAL A 37 9.61 -7.96 2.36
N ARG A 38 10.17 -8.66 1.39
CA ARG A 38 11.44 -9.37 1.53
C ARG A 38 12.51 -8.64 0.73
N GLN A 39 13.65 -8.39 1.35
CA GLN A 39 14.80 -7.80 0.66
C GLN A 39 16.04 -8.63 0.96
N ALA A 40 16.44 -9.47 0.02
CA ALA A 40 17.69 -10.20 0.17
C ALA A 40 18.86 -9.23 0.10
N PRO A 41 19.95 -9.51 0.84
CA PRO A 41 21.07 -8.58 0.85
C PRO A 41 21.73 -8.47 -0.52
N GLY A 42 21.87 -7.23 -1.00
CA GLY A 42 22.56 -6.95 -2.23
C GLY A 42 21.67 -6.56 -3.38
N GLN A 43 20.37 -6.84 -3.32
CA GLN A 43 19.45 -6.46 -4.39
C GLN A 43 18.18 -5.90 -3.77
N GLY A 44 17.19 -5.63 -4.62
CA GLY A 44 16.06 -4.81 -4.26
C GLY A 44 14.97 -5.56 -3.52
N LEU A 45 13.92 -4.83 -3.19
CA LEU A 45 12.82 -5.38 -2.41
C LEU A 45 12.01 -6.35 -3.25
N GLU A 46 11.25 -7.20 -2.56
CA GLU A 46 10.38 -8.15 -3.22
C GLU A 46 9.13 -8.32 -2.36
N TRP A 47 7.98 -7.93 -2.90
CA TRP A 47 6.72 -7.99 -2.17
C TRP A 47 6.28 -9.44 -2.03
N MET A 48 5.92 -9.84 -0.82
CA MET A 48 5.58 -11.22 -0.54
C MET A 48 4.07 -11.43 -0.39
N GLY A 49 3.43 -10.66 0.47
CA GLY A 49 1.99 -10.73 0.65
C GLY A 49 1.52 -9.51 1.41
N GLN A 50 0.20 -9.40 1.52
CA GLN A 50 -0.39 -8.33 2.30
C GLN A 50 -1.68 -8.82 2.94
N ILE A 51 -2.06 -8.19 4.05
CA ILE A 51 -3.31 -8.48 4.72
C ILE A 51 -4.05 -7.17 4.93
N ILE A 52 -5.33 -7.15 4.53
CA ILE A 52 -6.25 -6.08 4.91
C ILE A 52 -7.04 -6.58 6.10
N THR A 53 -6.87 -5.94 7.24
CA THR A 53 -7.33 -6.46 8.52
C THR A 53 -8.82 -6.27 8.76
N MET A 54 -9.59 -5.88 7.76
CA MET A 54 -11.01 -5.61 7.98
C MET A 54 -11.88 -6.86 7.84
N LEU A 55 -11.81 -7.50 6.67
CA LEU A 55 -12.57 -8.73 6.43
C LEU A 55 -11.63 -9.91 6.23
N ASP A 56 -10.43 -9.82 6.78
CA ASP A 56 -9.45 -10.92 6.82
C ASP A 56 -9.19 -11.38 5.38
N THR A 57 -8.66 -10.45 4.58
CA THR A 57 -8.41 -10.68 3.16
C THR A 57 -6.91 -10.58 2.92
N ILE A 58 -6.30 -11.71 2.57
CA ILE A 58 -4.87 -11.80 2.34
C ILE A 58 -4.62 -12.12 0.88
N THR A 59 -3.71 -11.38 0.25
CA THR A 59 -3.28 -11.65 -1.12
C THR A 59 -1.80 -12.00 -1.08
N TYR A 60 -1.46 -13.17 -1.59
CA TYR A 60 -0.08 -13.64 -1.65
C TYR A 60 0.52 -13.34 -3.02
N ALA A 61 1.84 -13.38 -3.08
CA ALA A 61 2.51 -13.34 -4.37
C ALA A 61 2.33 -14.67 -5.10
N GLN A 62 2.51 -14.62 -6.42
CA GLN A 62 2.37 -15.84 -7.22
C GLN A 62 3.40 -16.89 -6.83
N ARG A 63 4.65 -16.47 -6.62
CA ARG A 63 5.71 -17.40 -6.26
C ARG A 63 5.72 -17.79 -4.79
N PHE A 64 4.93 -17.11 -3.95
CA PHE A 64 4.76 -17.48 -2.56
C PHE A 64 3.33 -17.90 -2.26
N GLN A 65 2.64 -18.44 -3.26
CA GLN A 65 1.25 -18.83 -3.07
C GLN A 65 1.13 -20.00 -2.09
N ASP A 66 2.01 -21.00 -2.22
CA ASP A 66 1.95 -22.21 -1.42
C ASP A 66 3.00 -22.25 -0.31
N ARG A 67 3.73 -21.15 -0.08
CA ARG A 67 4.78 -21.12 0.93
C ARG A 67 4.44 -20.25 2.12
N VAL A 68 4.08 -19.00 1.90
CA VAL A 68 3.89 -18.03 2.98
C VAL A 68 2.41 -17.99 3.35
N THR A 69 2.14 -17.77 4.64
CA THR A 69 0.80 -17.52 5.13
C THR A 69 0.84 -16.32 6.06
N ILE A 70 -0.18 -15.48 5.97
CA ILE A 70 -0.28 -14.25 6.74
C ILE A 70 -1.61 -14.25 7.46
N ARG A 71 -1.60 -13.93 8.75
CA ARG A 71 -2.81 -13.82 9.54
C ARG A 71 -2.70 -12.61 10.43
N ALA A 72 -3.83 -12.23 11.04
CA ALA A 72 -3.87 -11.12 11.97
C ALA A 72 -4.54 -11.56 13.26
N ASP A 73 -4.06 -11.00 14.37
CA ASP A 73 -4.63 -11.25 15.69
C ASP A 73 -5.12 -9.92 16.23
N GLU A 74 -6.44 -9.76 16.32
CA GLU A 74 -7.03 -8.49 16.71
C GLU A 74 -6.88 -8.18 18.19
N THR A 75 -6.64 -9.20 19.03
CA THR A 75 -6.53 -8.96 20.46
C THR A 75 -5.25 -8.18 20.78
N THR A 76 -4.12 -8.63 20.26
CA THR A 76 -2.85 -7.94 20.47
C THR A 76 -2.50 -6.96 19.37
N SER A 77 -3.32 -6.88 18.31
CA SER A 77 -3.06 -6.02 17.16
C SER A 77 -1.70 -6.33 16.55
N THR A 78 -1.47 -7.60 16.23
CA THR A 78 -0.23 -8.06 15.63
C THR A 78 -0.50 -8.74 14.29
N ILE A 79 0.51 -8.74 13.43
CA ILE A 79 0.43 -9.34 12.11
C ILE A 79 1.52 -10.40 12.02
N TYR A 80 1.14 -11.63 11.71
CA TYR A 80 2.07 -12.75 11.77
C TYR A 80 2.55 -13.17 10.38
N MET A 81 3.55 -14.05 10.39
CA MET A 81 4.23 -14.54 9.20
C MET A 81 4.54 -16.02 9.38
N GLU A 82 4.77 -16.70 8.27
CA GLU A 82 5.11 -18.12 8.32
C GLU A 82 5.70 -18.53 6.98
N LEU A 83 6.88 -19.13 7.01
CA LEU A 83 7.54 -19.68 5.82
C LEU A 83 7.81 -21.15 6.07
N ASN A 84 6.97 -22.02 5.49
CA ASN A 84 7.07 -23.44 5.78
C ASN A 84 8.34 -24.05 5.21
N SER A 85 8.72 -23.71 3.99
CA SER A 85 9.87 -24.28 3.31
C SER A 85 10.98 -23.24 3.26
N LEU A 86 11.81 -23.21 4.29
CA LEU A 86 12.99 -22.33 4.30
C LEU A 86 14.12 -23.01 3.55
N ARG A 87 14.76 -22.27 2.64
CA ARG A 87 15.85 -22.77 1.84
C ARG A 87 17.01 -21.78 1.94
N SER A 88 18.21 -22.22 1.54
CA SER A 88 19.44 -21.53 1.90
C SER A 88 19.46 -20.09 1.39
N GLU A 89 18.98 -19.85 0.17
CA GLU A 89 19.00 -18.51 -0.38
C GLU A 89 17.79 -17.68 0.04
N ASP A 90 16.94 -18.20 0.92
CA ASP A 90 15.85 -17.40 1.48
C ASP A 90 16.30 -16.64 2.72
N THR A 91 17.40 -15.89 2.55
CA THR A 91 17.99 -15.08 3.61
C THR A 91 17.75 -13.62 3.28
N ALA A 92 17.09 -12.91 4.19
CA ALA A 92 16.74 -11.51 3.92
C ALA A 92 16.35 -10.82 5.21
N ILE A 93 16.16 -9.52 5.12
CA ILE A 93 15.56 -8.73 6.18
C ILE A 93 14.10 -8.46 5.79
N TYR A 94 13.19 -8.77 6.71
CA TYR A 94 11.76 -8.79 6.41
C TYR A 94 11.11 -7.57 7.03
N TYR A 95 10.35 -6.83 6.21
CA TYR A 95 9.69 -5.60 6.64
C TYR A 95 8.17 -5.77 6.60
N CYS A 96 7.49 -5.07 7.48
CA CYS A 96 6.04 -4.91 7.41
C CYS A 96 5.73 -3.43 7.29
N ALA A 97 4.81 -3.10 6.39
CA ALA A 97 4.49 -1.70 6.10
C ALA A 97 3.10 -1.62 5.51
N ARG A 98 2.31 -0.64 5.96
CA ARG A 98 1.01 -0.43 5.35
C ARG A 98 1.19 0.06 3.93
N ASN A 99 0.21 -0.23 3.08
CA ASN A 99 0.31 0.07 1.67
C ASN A 99 -0.35 1.39 1.28
N GLY A 100 -0.75 2.21 2.25
CA GLY A 100 -1.36 3.47 1.89
C GLY A 100 -1.57 4.36 3.10
N ASN A 101 -1.93 5.61 2.81
CA ASN A 101 -2.35 6.57 3.82
C ASN A 101 -3.84 6.82 3.62
N ALA A 102 -4.65 6.34 4.56
CA ALA A 102 -6.09 6.47 4.43
C ALA A 102 -6.57 7.90 4.64
N THR A 103 -5.80 8.72 5.36
CA THR A 103 -6.19 10.11 5.57
C THR A 103 -6.08 10.90 4.28
N VAL A 104 -5.10 10.58 3.45
CA VAL A 104 -4.92 11.24 2.17
C VAL A 104 -5.73 10.56 1.06
N GLY A 105 -5.96 9.26 1.18
CA GLY A 105 -6.67 8.54 0.16
C GLY A 105 -5.81 7.97 -0.93
N SER A 106 -4.56 7.61 -0.62
CA SER A 106 -3.59 7.17 -1.60
C SER A 106 -2.93 5.89 -1.14
N LEU A 107 -2.46 5.10 -2.10
CA LEU A 107 -1.74 3.87 -1.80
C LEU A 107 -0.24 4.12 -1.87
N GLY A 108 0.47 3.66 -0.85
CA GLY A 108 1.91 3.74 -0.82
C GLY A 108 2.45 3.21 0.49
N MET A 109 3.63 2.62 0.47
CA MET A 109 4.20 1.96 1.65
C MET A 109 4.71 3.04 2.60
N ASP A 110 3.81 3.53 3.45
CA ASP A 110 4.00 4.82 4.12
C ASP A 110 4.92 4.70 5.34
N VAL A 111 4.53 3.88 6.32
CA VAL A 111 5.35 3.65 7.50
C VAL A 111 5.84 2.21 7.47
N TRP A 112 7.12 2.02 7.83
CA TRP A 112 7.81 0.75 7.69
C TRP A 112 8.28 0.25 9.05
N GLY A 113 8.44 -1.06 9.14
CA GLY A 113 8.99 -1.67 10.34
C GLY A 113 10.50 -1.58 10.38
N ARG A 114 11.06 -2.05 11.49
CA ARG A 114 12.51 -2.02 11.66
C ARG A 114 13.19 -3.08 10.80
N GLY A 115 12.61 -4.28 10.74
CA GLY A 115 13.17 -5.35 9.95
C GLY A 115 13.62 -6.55 10.77
N THR A 116 13.05 -7.72 10.50
CA THR A 116 13.46 -8.98 11.12
C THR A 116 14.33 -9.72 10.12
N THR A 117 15.65 -9.69 10.33
CA THR A 117 16.59 -10.29 9.39
C THR A 117 16.78 -11.76 9.72
N VAL A 118 15.89 -12.59 9.19
CA VAL A 118 16.02 -14.04 9.35
C VAL A 118 17.17 -14.54 8.48
N THR A 119 18.09 -15.27 9.10
CA THR A 119 19.29 -15.77 8.43
C THR A 119 19.29 -17.30 8.54
N VAL A 120 18.96 -17.97 7.44
CA VAL A 120 19.04 -19.42 7.40
C VAL A 120 20.47 -19.84 7.12
N SER A 121 20.96 -20.82 7.88
CA SER A 121 22.34 -21.28 7.76
C SER A 121 22.42 -22.70 8.30
N SER A 122 23.65 -23.18 8.47
CA SER A 122 23.88 -24.51 9.00
C SER A 122 25.07 -24.52 9.96
N GLN B 1 7.97 -9.14 -21.06
CA GLN B 1 8.10 -8.75 -19.66
C GLN B 1 6.82 -8.09 -19.16
N ALA B 2 6.58 -8.18 -17.85
CA ALA B 2 5.40 -7.57 -17.25
C ALA B 2 5.68 -6.85 -15.95
N GLY B 3 6.93 -6.76 -15.51
CA GLY B 3 7.29 -6.10 -14.27
C GLY B 3 7.55 -4.63 -14.48
N LEU B 4 8.29 -4.06 -13.53
CA LEU B 4 8.69 -2.65 -13.58
C LEU B 4 10.16 -2.59 -13.92
N THR B 5 10.49 -2.03 -15.08
CA THR B 5 11.86 -1.95 -15.55
C THR B 5 12.43 -0.57 -15.24
N GLN B 6 13.57 -0.54 -14.57
CA GLN B 6 14.21 0.67 -14.12
C GLN B 6 15.70 0.59 -14.43
N PRO B 7 16.32 1.69 -14.85
CA PRO B 7 17.76 1.66 -15.10
C PRO B 7 18.52 1.35 -13.82
N PRO B 8 19.69 0.72 -13.93
CA PRO B 8 20.37 0.25 -12.72
C PRO B 8 20.91 1.38 -11.85
N SER B 9 21.46 2.43 -12.44
CA SER B 9 22.04 3.50 -11.65
C SER B 9 22.04 4.79 -12.46
N GLU B 10 22.01 5.91 -11.75
CA GLU B 10 22.12 7.23 -12.35
C GLU B 10 22.97 8.11 -11.44
N SER B 11 23.83 8.92 -12.05
CA SER B 11 24.81 9.72 -11.32
C SER B 11 24.67 11.18 -11.71
N LYS B 12 24.41 12.04 -10.74
CA LYS B 12 24.30 13.48 -10.95
C LYS B 12 25.14 14.20 -9.90
N GLY B 13 25.57 15.41 -10.25
CA GLY B 13 26.38 16.22 -9.36
C GLY B 13 25.55 16.95 -8.32
N LEU B 14 26.25 17.74 -7.52
CA LEU B 14 25.59 18.56 -6.51
C LEU B 14 24.92 19.77 -7.16
N ARG B 15 23.86 20.26 -6.50
CA ARG B 15 23.08 21.40 -6.97
C ARG B 15 22.57 21.18 -8.38
N GLU B 16 22.16 19.94 -8.66
CA GLU B 16 21.67 19.55 -9.98
C GLU B 16 20.36 18.79 -9.79
N THR B 17 19.50 18.84 -10.81
CA THR B 17 18.25 18.11 -10.79
C THR B 17 18.46 16.71 -11.33
N ALA B 18 17.69 15.76 -10.79
CA ALA B 18 17.80 14.36 -11.16
C ALA B 18 16.46 13.87 -11.71
N THR B 19 16.50 13.30 -12.90
CA THR B 19 15.30 12.84 -13.60
C THR B 19 15.25 11.32 -13.55
N PHE B 20 14.09 10.78 -13.19
CA PHE B 20 13.92 9.35 -13.00
C PHE B 20 12.95 8.80 -14.02
N THR B 21 12.97 7.48 -14.17
CA THR B 21 12.03 6.80 -15.04
C THR B 21 11.72 5.43 -14.46
N CYS B 22 10.47 5.01 -14.60
CA CYS B 22 10.05 3.66 -14.20
C CYS B 22 8.85 3.32 -15.06
N THR B 23 9.07 2.48 -16.07
CA THR B 23 8.03 2.15 -17.04
C THR B 23 7.49 0.75 -16.77
N GLY B 24 6.17 0.62 -16.81
CA GLY B 24 5.53 -0.66 -16.63
C GLY B 24 4.64 -0.99 -17.81
N ASN B 25 3.37 -1.22 -17.55
CA ASN B 25 2.40 -1.44 -18.62
C ASN B 25 1.10 -0.74 -18.21
N SER B 26 0.02 -1.04 -18.93
CA SER B 26 -1.27 -0.41 -18.65
C SER B 26 -1.84 -0.82 -17.29
N ASN B 27 -1.30 -1.84 -16.65
CA ASN B 27 -1.80 -2.31 -15.36
C ASN B 27 -0.95 -1.83 -14.18
N ASN B 28 0.38 -1.88 -14.31
CA ASN B 28 1.23 -1.56 -13.17
C ASN B 28 1.20 -0.07 -12.86
N VAL B 29 1.65 0.76 -13.80
CA VAL B 29 1.85 2.17 -13.56
C VAL B 29 0.83 3.03 -14.30
N GLY B 30 0.45 2.65 -15.52
CA GLY B 30 -0.49 3.46 -16.28
C GLY B 30 -1.86 3.50 -15.66
N ASN B 31 -2.27 2.40 -15.00
CA ASN B 31 -3.63 2.31 -14.48
C ASN B 31 -3.89 3.38 -13.43
N GLN B 32 -3.17 3.33 -12.31
CA GLN B 32 -3.36 4.34 -11.26
C GLN B 32 -2.10 5.15 -10.99
N GLY B 33 -0.97 4.51 -10.77
CA GLY B 33 0.26 5.23 -10.56
C GLY B 33 1.32 4.35 -9.94
N ALA B 34 2.43 5.00 -9.55
CA ALA B 34 3.57 4.30 -8.96
C ALA B 34 4.09 5.11 -7.78
N ALA B 35 4.52 4.40 -6.74
CA ALA B 35 5.06 5.02 -5.54
C ALA B 35 6.58 4.92 -5.53
N TRP B 36 7.24 5.98 -5.10
CA TRP B 36 8.69 6.05 -5.04
C TRP B 36 9.17 5.94 -3.60
N LEU B 37 10.25 5.17 -3.40
CA LEU B 37 10.74 4.80 -2.09
C LEU B 37 12.22 5.13 -1.99
N GLN B 38 12.63 5.76 -0.88
CA GLN B 38 14.02 6.11 -0.63
C GLN B 38 14.59 5.12 0.38
N GLN B 39 15.56 4.32 -0.06
CA GLN B 39 16.23 3.37 0.82
C GLN B 39 17.72 3.69 0.89
N HIS B 40 18.23 3.87 2.10
CA HIS B 40 19.65 4.09 2.31
C HIS B 40 20.36 2.75 2.48
N GLN B 41 21.63 2.77 2.88
CA GLN B 41 22.38 1.55 3.12
C GLN B 41 21.91 0.93 4.43
N GLY B 42 21.26 -0.23 4.34
CA GLY B 42 20.83 -0.94 5.53
C GLY B 42 19.79 -0.21 6.35
N HIS B 43 18.82 0.42 5.70
CA HIS B 43 17.75 1.14 6.37
C HIS B 43 16.43 0.80 5.71
N PRO B 44 15.33 0.84 6.45
CA PRO B 44 14.02 0.65 5.84
C PRO B 44 13.73 1.75 4.84
N PRO B 45 13.11 1.41 3.71
CA PRO B 45 12.92 2.40 2.64
C PRO B 45 11.83 3.40 2.99
N LYS B 46 12.19 4.69 3.01
CA LYS B 46 11.25 5.74 3.30
C LYS B 46 10.51 6.15 2.02
N LEU B 47 9.20 6.30 2.12
CA LEU B 47 8.41 6.73 0.98
C LEU B 47 8.61 8.21 0.69
N LEU B 48 8.53 8.57 -0.59
CA LEU B 48 8.60 9.95 -1.06
C LEU B 48 7.39 10.39 -1.85
N SER B 49 6.76 9.49 -2.60
CA SER B 49 5.61 9.83 -3.44
C SER B 49 4.57 8.74 -3.34
N TYR B 50 3.30 9.13 -3.21
CA TYR B 50 2.19 8.19 -3.28
C TYR B 50 1.88 7.92 -4.74
N ARG B 51 0.81 7.16 -5.00
CA ARG B 51 0.42 6.90 -6.38
C ARG B 51 -0.12 8.16 -7.05
N ASN B 52 -0.78 9.05 -6.30
CA ASN B 52 -1.23 10.31 -6.86
C ASN B 52 -0.18 11.40 -6.73
N ASN B 53 1.04 11.03 -6.34
CA ASN B 53 2.20 11.92 -6.31
C ASN B 53 2.01 13.05 -5.29
N ASN B 54 1.63 12.68 -4.07
CA ASN B 54 1.50 13.62 -2.97
C ASN B 54 2.73 13.54 -2.07
N ARG B 55 2.94 14.62 -1.32
CA ARG B 55 4.08 14.71 -0.42
C ARG B 55 3.69 14.18 0.95
N PRO B 56 4.31 13.12 1.45
CA PRO B 56 4.01 12.63 2.80
C PRO B 56 4.62 13.54 3.85
N SER B 57 4.17 13.35 5.09
CA SER B 57 4.70 14.12 6.20
C SER B 57 6.15 13.73 6.47
N GLY B 58 6.98 14.71 6.78
CA GLY B 58 8.38 14.50 7.04
C GLY B 58 9.28 14.57 5.82
N ILE B 59 8.72 14.73 4.63
CA ILE B 59 9.49 14.88 3.40
C ILE B 59 9.33 16.31 2.92
N SER B 60 10.46 16.97 2.68
CA SER B 60 10.47 18.36 2.26
C SER B 60 9.94 18.51 0.84
N GLU B 61 9.88 19.75 0.37
CA GLU B 61 9.43 20.04 -0.98
C GLU B 61 10.53 19.93 -2.01
N ARG B 62 11.73 19.51 -1.60
CA ARG B 62 12.83 19.36 -2.54
C ARG B 62 12.56 18.22 -3.53
N PHE B 63 11.84 17.19 -3.10
CA PHE B 63 11.43 16.10 -3.99
C PHE B 63 10.14 16.47 -4.72
N SER B 64 9.89 15.78 -5.82
CA SER B 64 8.71 16.00 -6.63
C SER B 64 8.58 14.85 -7.63
N ALA B 65 7.36 14.36 -7.80
CA ALA B 65 7.10 13.24 -8.70
C ALA B 65 6.00 13.60 -9.68
N SER B 66 5.86 12.78 -10.71
CA SER B 66 4.84 12.95 -11.74
C SER B 66 4.77 11.66 -12.55
N ARG B 67 3.88 11.65 -13.55
CA ARG B 67 3.72 10.51 -14.43
C ARG B 67 3.50 11.00 -15.85
N SER B 68 4.33 10.54 -16.78
CA SER B 68 4.14 10.84 -18.20
C SER B 68 3.35 9.71 -18.86
N GLY B 69 2.15 9.47 -18.34
CA GLY B 69 1.29 8.45 -18.90
C GLY B 69 1.55 7.07 -18.34
N ASN B 70 2.23 6.23 -19.13
CA ASN B 70 2.57 4.87 -18.74
C ASN B 70 4.00 4.78 -18.21
N THR B 71 4.48 5.86 -17.60
CA THR B 71 5.85 5.92 -17.10
C THR B 71 5.88 6.91 -15.95
N ALA B 72 6.33 6.44 -14.78
CA ALA B 72 6.42 7.27 -13.59
C ALA B 72 7.77 7.96 -13.52
N SER B 73 7.78 9.18 -12.99
CA SER B 73 8.99 9.96 -12.88
C SER B 73 9.05 10.63 -11.51
N LEU B 74 10.26 10.76 -10.99
CA LEU B 74 10.52 11.40 -9.70
C LEU B 74 11.70 12.34 -9.88
N THR B 75 11.53 13.60 -9.48
CA THR B 75 12.55 14.61 -9.70
C THR B 75 13.09 15.10 -8.36
N ILE B 76 14.41 15.09 -8.24
CA ILE B 76 15.12 15.60 -7.07
C ILE B 76 15.97 16.78 -7.55
N THR B 77 15.71 17.96 -7.00
CA THR B 77 16.33 19.19 -7.46
C THR B 77 17.38 19.66 -6.47
N GLY B 78 18.60 19.89 -6.94
CA GLY B 78 19.67 20.31 -6.06
C GLY B 78 20.12 19.21 -5.12
N LEU B 79 20.73 18.16 -5.68
CA LEU B 79 21.15 17.00 -4.90
C LEU B 79 22.01 17.41 -3.71
N GLN B 80 21.68 16.85 -2.55
CA GLN B 80 22.37 17.12 -1.31
C GLN B 80 23.42 16.04 -1.12
N PRO B 81 24.68 16.36 -0.83
CA PRO B 81 25.73 15.31 -0.81
C PRO B 81 25.49 14.18 0.16
N GLU B 82 24.50 14.27 1.06
CA GLU B 82 24.12 13.16 1.92
C GLU B 82 22.86 12.45 1.43
N ASP B 83 22.55 12.55 0.14
CA ASP B 83 21.39 11.89 -0.46
C ASP B 83 21.84 10.63 -1.20
N GLU B 84 22.84 9.95 -0.67
CA GLU B 84 23.31 8.67 -1.22
C GLU B 84 22.31 7.59 -0.84
N ALA B 85 21.37 7.28 -1.74
CA ALA B 85 20.36 6.28 -1.47
C ALA B 85 19.90 5.65 -2.78
N VAL B 86 19.33 4.45 -2.67
CA VAL B 86 18.76 3.75 -3.81
C VAL B 86 17.26 3.96 -3.82
N TYR B 87 16.71 4.32 -4.98
CA TYR B 87 15.32 4.73 -5.10
C TYR B 87 14.51 3.70 -5.88
N PHE B 88 13.41 3.26 -5.28
CA PHE B 88 12.60 2.17 -5.81
C PHE B 88 11.25 2.70 -6.26
N CYS B 89 10.74 2.15 -7.34
CA CYS B 89 9.38 2.42 -7.80
C CYS B 89 8.52 1.19 -7.56
N SER B 90 7.39 1.38 -6.88
CA SER B 90 6.44 0.32 -6.63
C SER B 90 5.13 0.66 -7.32
N ALA B 91 4.39 -0.36 -7.72
CA ALA B 91 3.15 -0.14 -8.47
C ALA B 91 2.28 -1.38 -8.38
N TRP B 92 1.06 -1.21 -7.90
CA TRP B 92 0.13 -2.33 -7.71
C TRP B 92 -0.35 -2.83 -9.06
N ASP B 93 0.18 -3.97 -9.50
CA ASP B 93 -0.36 -4.66 -10.66
C ASP B 93 -1.81 -5.06 -10.41
N THR B 94 -2.69 -4.74 -11.36
CA THR B 94 -4.09 -5.08 -11.25
C THR B 94 -4.46 -6.37 -11.96
N SER B 95 -3.53 -6.97 -12.71
CA SER B 95 -3.77 -8.25 -13.36
C SER B 95 -3.21 -9.42 -12.55
N LEU B 96 -2.07 -9.22 -11.89
CA LEU B 96 -1.47 -10.22 -11.03
C LEU B 96 -1.78 -9.98 -9.55
N ARG B 97 -2.40 -8.85 -9.22
CA ARG B 97 -2.73 -8.46 -7.85
C ARG B 97 -1.47 -8.51 -6.96
N ALA B 98 -0.50 -7.67 -7.33
CA ALA B 98 0.77 -7.66 -6.63
C ALA B 98 1.42 -6.29 -6.73
N TRP B 99 2.09 -5.87 -5.66
CA TRP B 99 2.96 -4.72 -5.73
C TRP B 99 4.24 -5.15 -6.44
N LEU B 100 4.60 -4.45 -7.50
CA LEU B 100 5.80 -4.77 -8.27
C LEU B 100 6.84 -3.70 -8.02
N PHE B 101 8.01 -4.12 -7.56
CA PHE B 101 9.13 -3.22 -7.31
C PHE B 101 10.12 -3.29 -8.47
N GLY B 102 10.75 -2.16 -8.76
CA GLY B 102 11.75 -2.10 -9.79
C GLY B 102 13.12 -2.50 -9.29
N GLY B 103 14.12 -2.37 -10.17
CA GLY B 103 15.48 -2.64 -9.76
C GLY B 103 15.99 -1.66 -8.73
N GLY B 104 15.72 -0.38 -8.93
CA GLY B 104 16.15 0.64 -7.99
C GLY B 104 17.43 1.32 -8.42
N THR B 105 17.33 2.57 -8.88
CA THR B 105 18.52 3.29 -9.28
C THR B 105 19.34 3.71 -8.07
N HIS B 106 20.66 3.66 -8.21
CA HIS B 106 21.58 4.08 -7.17
C HIS B 106 22.11 5.47 -7.51
N LEU B 107 22.02 6.39 -6.57
CA LEU B 107 22.40 7.78 -6.79
C LEU B 107 23.74 8.06 -6.14
N THR B 108 24.71 8.48 -6.95
CA THR B 108 26.04 8.82 -6.49
C THR B 108 26.28 10.29 -6.81
N VAL B 109 26.40 11.12 -5.77
CA VAL B 109 26.72 12.52 -5.99
C VAL B 109 28.19 12.64 -6.35
N LEU B 110 28.53 13.72 -7.05
CA LEU B 110 29.89 13.93 -7.56
C LEU B 110 30.47 15.14 -6.83
N GLY B 111 31.18 14.85 -5.73
CA GLY B 111 31.79 15.89 -4.93
C GLY B 111 32.68 15.35 -3.83
N LYS C 575 -20.06 -13.38 12.16
CA LYS C 575 -19.86 -12.22 13.01
C LYS C 575 -20.68 -11.04 12.49
N PHE C 576 -21.46 -10.43 13.40
CA PHE C 576 -22.37 -9.35 12.97
C PHE C 576 -21.61 -8.07 12.65
N HIS C 577 -20.48 -7.84 13.29
CA HIS C 577 -19.69 -6.66 12.95
C HIS C 577 -19.03 -6.82 11.58
N ASN C 578 -18.63 -8.04 11.22
CA ASN C 578 -18.14 -8.28 9.87
C ASN C 578 -19.23 -8.06 8.84
N PHE C 579 -20.48 -8.44 9.18
CA PHE C 579 -21.60 -8.14 8.31
C PHE C 579 -21.79 -6.64 8.14
N PHE C 580 -21.68 -5.89 9.24
CA PHE C 580 -21.82 -4.44 9.15
C PHE C 580 -20.74 -3.83 8.29
N GLU C 581 -19.49 -4.25 8.48
CA GLU C 581 -18.41 -3.68 7.70
C GLU C 581 -18.45 -4.10 6.24
N MET C 582 -18.95 -5.30 5.94
CA MET C 582 -19.10 -5.70 4.55
C MET C 582 -20.24 -4.93 3.89
N TRP C 583 -21.32 -4.67 4.64
CA TRP C 583 -22.40 -3.86 4.10
C TRP C 583 -21.93 -2.45 3.80
N VAL C 584 -21.16 -1.86 4.71
CA VAL C 584 -20.70 -0.49 4.49
C VAL C 584 -19.69 -0.44 3.33
N THR C 585 -18.81 -1.45 3.24
CA THR C 585 -17.86 -1.49 2.14
C THR C 585 -18.58 -1.61 0.80
N TYR C 586 -19.58 -2.49 0.72
CA TYR C 586 -20.34 -2.64 -0.51
C TYR C 586 -21.13 -1.36 -0.81
N LEU C 587 -21.64 -0.70 0.22
CA LEU C 587 -22.37 0.55 0.02
C LEU C 587 -21.45 1.63 -0.54
N LEU C 588 -20.23 1.74 -0.02
CA LEU C 588 -19.30 2.75 -0.52
C LEU C 588 -18.87 2.45 -1.95
N THR C 589 -18.59 1.19 -2.25
CA THR C 589 -18.23 0.82 -3.61
C THR C 589 -19.37 1.08 -4.58
N GLU C 590 -20.60 0.74 -4.19
CA GLU C 590 -21.73 0.97 -5.06
C GLU C 590 -22.07 2.44 -5.20
N THR C 591 -21.82 3.23 -4.17
CA THR C 591 -21.95 4.69 -4.29
C THR C 591 -20.95 5.24 -5.28
N ILE C 592 -19.70 4.77 -5.23
CA ILE C 592 -18.70 5.20 -6.21
C ILE C 592 -19.14 4.84 -7.61
N THR C 593 -19.62 3.61 -7.80
CA THR C 593 -20.05 3.17 -9.13
C THR C 593 -21.29 3.92 -9.61
N TRP C 594 -22.20 4.29 -8.70
CA TRP C 594 -23.38 5.05 -9.13
C TRP C 594 -23.01 6.49 -9.47
N LYS C 595 -22.10 7.10 -8.71
CA LYS C 595 -21.61 8.42 -9.08
C LYS C 595 -20.88 8.37 -10.41
N ASP C 596 -20.21 7.25 -10.71
CA ASP C 596 -19.59 7.09 -12.03
C ASP C 596 -20.63 6.93 -13.12
N LYS C 597 -21.69 6.16 -12.86
CA LYS C 597 -22.66 5.84 -13.92
C LYS C 597 -23.49 7.07 -14.29
N LEU C 598 -23.87 7.88 -13.30
CA LEU C 598 -24.68 9.06 -13.55
C LEU C 598 -23.77 10.24 -13.86
N LYS C 599 -23.79 10.69 -15.11
CA LYS C 599 -23.04 11.87 -15.52
C LYS C 599 -23.79 13.17 -15.22
N THR C 600 -25.08 13.09 -14.90
CA THR C 600 -25.89 14.27 -14.64
C THR C 600 -25.55 14.92 -13.30
N VAL C 619 -33.56 6.98 -12.59
CA VAL C 619 -34.67 6.61 -11.70
C VAL C 619 -34.27 5.39 -10.89
N CYS C 620 -33.32 4.61 -11.41
CA CYS C 620 -32.84 3.44 -10.69
C CYS C 620 -31.97 3.84 -9.50
N PHE C 621 -31.36 5.02 -9.53
CA PHE C 621 -30.60 5.48 -8.37
C PHE C 621 -31.52 5.77 -7.20
N ASP C 622 -32.71 6.32 -7.45
CA ASP C 622 -33.65 6.58 -6.37
C ASP C 622 -34.13 5.27 -5.74
N LYS C 623 -34.37 4.26 -6.56
CA LYS C 623 -34.76 2.96 -6.01
C LYS C 623 -33.60 2.22 -5.38
N TRP C 624 -32.36 2.58 -5.74
CA TRP C 624 -31.19 2.01 -5.07
C TRP C 624 -30.97 2.65 -3.70
N VAL C 625 -31.18 3.96 -3.58
CA VAL C 625 -30.95 4.63 -2.32
C VAL C 625 -31.94 4.16 -1.26
N LYS C 626 -33.22 4.02 -1.65
CA LYS C 626 -34.19 3.44 -0.72
C LYS C 626 -33.90 1.96 -0.45
N GLN C 627 -33.21 1.29 -1.37
CA GLN C 627 -32.80 -0.08 -1.11
C GLN C 627 -31.73 -0.15 -0.04
N LYS C 628 -30.95 0.92 0.13
CA LYS C 628 -29.96 1.01 1.20
C LYS C 628 -30.46 1.85 2.37
N GLU C 629 -31.77 1.94 2.55
CA GLU C 629 -32.35 2.58 3.72
C GLU C 629 -33.18 1.63 4.56
N ASP C 630 -33.95 0.73 3.94
CA ASP C 630 -34.61 -0.31 4.71
C ASP C 630 -33.58 -1.21 5.38
N GLU C 631 -32.49 -1.52 4.66
CA GLU C 631 -31.36 -2.22 5.27
C GLU C 631 -30.83 -1.46 6.48
N TRP C 632 -30.54 -0.16 6.31
CA TRP C 632 -29.88 0.60 7.35
C TRP C 632 -30.74 0.74 8.60
N ASN C 633 -32.04 1.02 8.42
CA ASN C 633 -32.89 1.12 9.61
C ASN C 633 -33.36 -0.22 10.11
N SER C 634 -33.15 -1.31 9.35
CA SER C 634 -33.27 -2.64 9.93
C SER C 634 -32.10 -2.92 10.86
N ILE C 635 -30.89 -2.48 10.49
CA ILE C 635 -29.76 -2.59 11.41
C ILE C 635 -30.01 -1.75 12.66
N LYS C 636 -30.52 -0.53 12.49
CA LYS C 636 -30.95 0.26 13.64
C LYS C 636 -32.24 -0.29 14.24
N ILE C 653 -18.11 10.24 12.58
CA ILE C 653 -17.38 11.43 12.14
C ILE C 653 -16.68 11.15 10.82
N ASN C 654 -15.86 12.11 10.38
CA ASN C 654 -15.12 11.94 9.13
C ASN C 654 -14.06 10.85 9.24
N ILE C 655 -13.46 10.70 10.42
CA ILE C 655 -12.43 9.69 10.62
C ILE C 655 -12.99 8.29 10.52
N TYR C 656 -14.29 8.10 10.77
CA TYR C 656 -14.86 6.76 10.75
C TYR C 656 -14.76 6.13 9.37
N PHE C 657 -14.83 6.93 8.31
CA PHE C 657 -14.86 6.40 6.96
C PHE C 657 -13.48 6.13 6.36
N GLU C 658 -12.41 6.68 6.94
CA GLU C 658 -11.10 6.44 6.35
C GLU C 658 -10.61 5.02 6.58
N SER C 659 -11.11 4.34 7.61
CA SER C 659 -10.66 2.97 7.85
C SER C 659 -11.19 1.99 6.82
N PHE C 660 -12.17 2.39 6.01
CA PHE C 660 -12.73 1.59 4.93
C PHE C 660 -11.98 1.78 3.63
N PHE C 661 -10.99 2.68 3.60
CA PHE C 661 -10.34 3.03 2.34
C PHE C 661 -9.68 1.82 1.70
N PHE C 662 -8.84 1.11 2.46
CA PHE C 662 -8.08 0.01 1.89
C PHE C 662 -8.99 -1.10 1.39
N HIS C 663 -10.00 -1.47 2.18
CA HIS C 663 -10.92 -2.52 1.76
C HIS C 663 -11.76 -2.11 0.55
N VAL C 664 -11.98 -0.81 0.34
CA VAL C 664 -12.69 -0.37 -0.85
C VAL C 664 -11.78 -0.44 -2.07
N MET C 665 -10.52 -0.01 -1.93
CA MET C 665 -9.59 -0.13 -3.05
C MET C 665 -9.31 -1.58 -3.44
N LYS C 666 -9.52 -2.53 -2.52
CA LYS C 666 -9.41 -3.94 -2.87
C LYS C 666 -10.31 -4.29 -4.05
N LYS C 667 -11.54 -3.79 -4.05
CA LYS C 667 -12.48 -4.08 -5.11
C LYS C 667 -12.62 -2.97 -6.14
N LEU C 668 -12.21 -1.76 -5.81
CA LEU C 668 -12.32 -0.61 -6.71
C LEU C 668 -11.06 0.23 -6.53
N ASN C 669 -10.07 0.00 -7.38
CA ASN C 669 -8.74 0.59 -7.20
C ASN C 669 -8.69 1.93 -7.94
N LYS C 670 -9.44 2.89 -7.39
CA LYS C 670 -9.54 4.24 -7.93
C LYS C 670 -9.37 5.24 -6.78
N GLU C 671 -8.16 5.79 -6.64
CA GLU C 671 -7.94 6.83 -5.63
C GLU C 671 -8.76 8.08 -5.93
N ALA C 672 -8.82 8.48 -7.20
CA ALA C 672 -9.44 9.75 -7.56
C ALA C 672 -10.92 9.77 -7.18
N LYS C 673 -11.65 8.73 -7.53
CA LYS C 673 -13.08 8.68 -7.23
C LYS C 673 -13.33 8.64 -5.73
N TRP C 674 -12.52 7.88 -4.99
CA TRP C 674 -12.67 7.82 -3.54
C TRP C 674 -12.46 9.19 -2.92
N ASN C 675 -11.45 9.92 -3.36
CA ASN C 675 -11.23 11.28 -2.86
C ASN C 675 -12.35 12.22 -3.26
N LYS C 676 -12.85 12.10 -4.50
CA LYS C 676 -13.95 12.95 -4.95
C LYS C 676 -15.20 12.73 -4.11
N LEU C 677 -15.45 11.48 -3.72
CA LEU C 677 -16.58 11.19 -2.83
C LEU C 677 -16.50 11.96 -1.52
N MET C 678 -15.31 12.34 -1.10
CA MET C 678 -15.13 13.03 0.18
C MET C 678 -14.53 14.41 -0.01
N ASP C 699 -23.23 10.69 14.07
CA ASP C 699 -23.09 9.46 13.30
C ASP C 699 -22.75 9.78 11.85
N ALA C 700 -22.09 8.83 11.18
CA ALA C 700 -21.59 9.06 9.83
C ALA C 700 -22.39 8.37 8.73
N ILE C 701 -23.10 7.29 9.05
CA ILE C 701 -23.89 6.62 8.02
C ILE C 701 -25.10 7.47 7.63
N GLU C 702 -25.72 8.16 8.59
CA GLU C 702 -26.81 9.06 8.26
C GLU C 702 -26.34 10.23 7.40
N LEU C 703 -25.11 10.70 7.60
CA LEU C 703 -24.58 11.75 6.75
C LEU C 703 -24.47 11.29 5.31
N LEU C 704 -23.94 10.07 5.10
CA LEU C 704 -23.79 9.55 3.75
C LEU C 704 -25.14 9.26 3.12
N LEU C 705 -26.10 8.76 3.90
CA LEU C 705 -27.42 8.49 3.36
C LEU C 705 -28.15 9.79 3.02
N GLU C 706 -27.96 10.84 3.81
CA GLU C 706 -28.49 12.15 3.45
C GLU C 706 -27.86 12.68 2.17
N TYR C 707 -26.56 12.45 2.01
CA TYR C 707 -25.88 12.83 0.77
C TYR C 707 -26.46 12.07 -0.42
N LEU C 708 -26.75 10.78 -0.22
CA LEU C 708 -27.35 9.98 -1.29
C LEU C 708 -28.76 10.46 -1.62
N LYS C 709 -29.55 10.82 -0.61
CA LYS C 709 -30.87 11.39 -0.87
C LYS C 709 -30.76 12.68 -1.66
N GLU C 710 -29.84 13.56 -1.26
CA GLU C 710 -29.67 14.83 -1.97
C GLU C 710 -29.25 14.61 -3.40
N LYS C 711 -28.38 13.62 -3.65
CA LYS C 711 -27.98 13.33 -5.02
C LYS C 711 -29.11 12.70 -5.82
N SER C 712 -29.97 11.91 -5.17
CA SER C 712 -31.07 11.28 -5.89
C SER C 712 -32.14 12.30 -6.28
N THR C 713 -32.40 13.28 -5.41
CA THR C 713 -33.40 14.29 -5.75
C THR C 713 -32.94 15.18 -6.91
N ILE C 714 -31.64 15.37 -7.07
CA ILE C 714 -31.11 16.12 -8.19
C ILE C 714 -30.76 15.17 -9.34
#